data_2QJZ
#
_entry.id   2QJZ
#
_cell.length_a   29.334
_cell.length_b   65.220
_cell.length_c   63.091
_cell.angle_alpha   90.000
_cell.angle_beta   96.240
_cell.angle_gamma   90.000
#
_symmetry.space_group_name_H-M   'P 1 21 1'
#
loop_
_entity.id
_entity.type
_entity.pdbx_description
1 polymer 'Microtubule-associated protein RP/EB family member 1'
2 water water
#
_entity_poly.entity_id   1
_entity_poly.type   'polypeptide(L)'
_entity_poly.pdbx_seq_one_letter_code
;GSDNLSRHD(MSE)LAWINESLQLNLTKIEQLCSGAAYCQF(MSE)D(MSE)LFPGSIALKKVKFQAKLEHEYIQNFKIL
QAGFKR(MSE)GVDKIIPVDKLVKGKFQDNFEFVQWFKKFFDANYDGKDYDPVAARQGQ
;
_entity_poly.pdbx_strand_id   A,B
#
# COMPACT_ATOMS: atom_id res chain seq x y z
N ASP A 3 -16.28 0.46 3.92
CA ASP A 3 -14.87 0.90 4.16
C ASP A 3 -14.34 1.77 3.00
N ASN A 4 -15.24 2.53 2.38
CA ASN A 4 -14.85 3.44 1.32
C ASN A 4 -14.05 4.64 1.82
N LEU A 5 -13.00 5.00 1.08
CA LEU A 5 -12.24 6.22 1.34
C LEU A 5 -13.09 7.42 0.97
N SER A 6 -12.81 8.55 1.61
CA SER A 6 -13.39 9.82 1.17
C SER A 6 -12.83 10.17 -0.19
N ARG A 7 -13.53 11.03 -0.91
CA ARG A 7 -13.07 11.51 -2.20
C ARG A 7 -11.70 12.18 -2.09
N HIS A 8 -11.48 12.89 -0.98
CA HIS A 8 -10.24 13.62 -0.76
C HIS A 8 -9.06 12.67 -0.52
N ASP A 9 -9.28 11.65 0.30
CA ASP A 9 -8.24 10.65 0.56
C ASP A 9 -7.98 9.80 -0.69
N MSE A 10 -9.01 9.52 -1.46
CA MSE A 10 -8.84 8.77 -2.70
C MSE A 10 -7.99 9.55 -3.72
O MSE A 10 -7.06 9.00 -4.32
CB MSE A 10 -10.20 8.45 -3.30
CG MSE A 10 -10.14 7.54 -4.51
SE MSE A 10 -9.31 5.83 -4.12
CE MSE A 10 -10.76 5.13 -3.21
N LEU A 11 -8.31 10.83 -3.91
CA LEU A 11 -7.50 11.66 -4.80
C LEU A 11 -6.05 11.76 -4.35
N ALA A 12 -5.82 11.87 -3.04
CA ALA A 12 -4.46 11.92 -2.52
C ALA A 12 -3.68 10.64 -2.83
N TRP A 13 -4.34 9.49 -2.68
CA TRP A 13 -3.70 8.21 -2.98
C TRP A 13 -3.33 8.13 -4.48
N ILE A 14 -4.27 8.49 -5.34
CA ILE A 14 -4.04 8.46 -6.78
C ILE A 14 -2.89 9.40 -7.16
N ASN A 15 -2.97 10.63 -6.70
CA ASN A 15 -1.99 11.64 -7.09
C ASN A 15 -0.60 11.32 -6.58
N GLU A 16 -0.48 10.84 -5.35
CA GLU A 16 0.83 10.49 -4.83
C GLU A 16 1.39 9.24 -5.49
N SER A 17 0.54 8.22 -5.66
CA SER A 17 1.02 6.95 -6.21
C SER A 17 1.52 7.09 -7.64
N LEU A 18 0.84 7.92 -8.43
CA LEU A 18 1.15 8.02 -9.86
C LEU A 18 1.77 9.36 -10.25
N GLN A 19 2.01 10.23 -9.26
CA GLN A 19 2.51 11.57 -9.50
C GLN A 19 1.62 12.29 -10.53
N LEU A 20 0.32 12.32 -10.22
CA LEU A 20 -0.67 12.96 -11.07
C LEU A 20 -1.18 14.23 -10.40
N ASN A 21 -2.03 14.95 -11.13
CA ASN A 21 -2.55 16.23 -10.68
C ASN A 21 -4.07 16.31 -10.84
N LEU A 22 -4.75 15.22 -10.51
CA LEU A 22 -6.21 15.20 -10.58
C LEU A 22 -6.79 16.12 -9.53
N THR A 23 -7.88 16.80 -9.87
CA THR A 23 -8.58 17.63 -8.89
C THR A 23 -9.98 17.08 -8.63
N LYS A 24 -10.43 16.13 -9.45
CA LYS A 24 -11.78 15.58 -9.37
C LYS A 24 -11.77 14.07 -9.61
N ILE A 25 -12.57 13.33 -8.82
CA ILE A 25 -12.77 11.91 -9.04
C ILE A 25 -13.26 11.66 -10.47
N GLU A 26 -14.09 12.58 -10.96
CA GLU A 26 -14.65 12.50 -12.31
C GLU A 26 -13.57 12.37 -13.41
N GLN A 27 -12.38 12.92 -13.16
CA GLN A 27 -11.30 12.87 -14.15
C GLN A 27 -10.76 11.45 -14.40
N LEU A 28 -11.10 10.52 -13.51
CA LEU A 28 -10.75 9.13 -13.71
C LEU A 28 -11.48 8.51 -14.90
N CYS A 29 -12.47 9.24 -15.42
CA CYS A 29 -13.19 8.84 -16.63
C CYS A 29 -12.30 8.65 -17.85
N SER A 30 -11.07 9.17 -17.82
CA SER A 30 -10.19 9.03 -18.97
C SER A 30 -9.56 7.65 -19.09
N GLY A 31 -9.55 6.90 -17.98
CA GLY A 31 -8.92 5.58 -17.95
C GLY A 31 -7.40 5.55 -17.88
N ALA A 32 -6.76 6.71 -18.00
CA ALA A 32 -5.29 6.75 -18.05
C ALA A 32 -4.64 6.32 -16.73
N ALA A 33 -5.16 6.81 -15.61
CA ALA A 33 -4.62 6.43 -14.30
C ALA A 33 -4.74 4.92 -14.09
N TYR A 34 -5.89 4.35 -14.43
CA TYR A 34 -6.06 2.91 -14.27
C TYR A 34 -5.06 2.12 -15.11
N CYS A 35 -4.85 2.56 -16.34
CA CYS A 35 -3.84 1.93 -17.19
C CYS A 35 -2.46 1.96 -16.53
N GLN A 36 -2.09 3.10 -15.95
CA GLN A 36 -0.80 3.20 -15.28
C GLN A 36 -0.71 2.33 -14.04
N PHE A 37 -1.79 2.26 -13.27
CA PHE A 37 -1.81 1.40 -12.10
C PHE A 37 -1.60 -0.05 -12.51
N MSE A 38 -2.21 -0.47 -13.62
CA MSE A 38 -2.03 -1.84 -14.10
C MSE A 38 -0.60 -2.12 -14.56
O MSE A 38 -0.06 -3.19 -14.26
CB MSE A 38 -3.04 -2.14 -15.21
CG MSE A 38 -4.36 -2.67 -14.70
SE MSE A 38 -4.21 -4.42 -13.88
CE MSE A 38 -3.90 -5.57 -15.40
N ASP A 39 0.02 -1.14 -15.22
CA ASP A 39 1.44 -1.21 -15.60
C ASP A 39 2.30 -1.35 -14.34
N MSE A 40 1.96 -0.58 -13.30
CA MSE A 40 2.69 -0.59 -12.03
C MSE A 40 2.59 -1.96 -11.32
O MSE A 40 3.59 -2.46 -10.80
CB MSE A 40 2.14 0.52 -11.14
CG MSE A 40 2.77 0.61 -9.77
SE MSE A 40 2.17 2.20 -8.85
CE MSE A 40 2.93 1.87 -7.08
N LEU A 41 1.40 -2.55 -11.32
CA LEU A 41 1.19 -3.85 -10.70
C LEU A 41 1.83 -4.99 -11.50
N PHE A 42 1.66 -4.93 -12.81
CA PHE A 42 2.00 -6.03 -13.71
C PHE A 42 2.70 -5.47 -14.95
N PRO A 43 3.99 -5.13 -14.82
CA PRO A 43 4.71 -4.55 -15.94
C PRO A 43 4.59 -5.39 -17.21
N GLY A 44 4.24 -4.76 -18.32
CA GLY A 44 4.06 -5.46 -19.58
C GLY A 44 2.63 -5.90 -19.88
N SER A 45 1.75 -5.78 -18.90
CA SER A 45 0.35 -6.20 -19.06
C SER A 45 -0.49 -5.23 -19.88
N ILE A 46 -0.02 -3.99 -20.00
CA ILE A 46 -0.76 -2.86 -20.58
C ILE A 46 0.03 -2.35 -21.79
N ALA A 47 -0.69 -2.07 -22.88
CA ALA A 47 -0.11 -1.42 -24.06
C ALA A 47 0.07 0.09 -23.81
N LEU A 48 1.04 0.43 -22.96
CA LEU A 48 1.25 1.84 -22.55
C LEU A 48 1.50 2.79 -23.70
N LYS A 49 2.15 2.30 -24.76
CA LYS A 49 2.45 3.15 -25.91
C LYS A 49 1.17 3.70 -26.56
N LYS A 50 0.04 3.01 -26.32
CA LYS A 50 -1.23 3.39 -26.93
C LYS A 50 -2.10 4.24 -26.01
N VAL A 51 -1.70 4.38 -24.75
CA VAL A 51 -2.49 5.15 -23.78
C VAL A 51 -2.36 6.65 -24.06
N LYS A 52 -3.47 7.36 -24.00
CA LYS A 52 -3.45 8.83 -24.06
C LYS A 52 -3.52 9.37 -22.63
N PHE A 53 -2.37 9.83 -22.11
CA PHE A 53 -2.28 10.21 -20.70
C PHE A 53 -3.07 11.48 -20.35
N GLN A 54 -3.19 12.37 -21.33
CA GLN A 54 -3.99 13.59 -21.14
C GLN A 54 -5.15 13.65 -22.15
N ALA A 55 -5.92 12.58 -22.18
CA ALA A 55 -7.10 12.47 -23.04
C ALA A 55 -8.08 13.60 -22.74
N LYS A 56 -8.74 14.08 -23.79
CA LYS A 56 -9.69 15.19 -23.67
C LYS A 56 -11.09 14.86 -24.19
N LEU A 57 -11.20 13.79 -24.97
CA LEU A 57 -12.45 13.46 -25.64
C LEU A 57 -12.86 12.02 -25.39
N GLU A 58 -14.17 11.76 -25.41
CA GLU A 58 -14.70 10.45 -25.07
C GLU A 58 -14.07 9.30 -25.84
N HIS A 59 -13.82 9.47 -27.14
CA HIS A 59 -13.28 8.37 -27.93
C HIS A 59 -11.90 7.95 -27.41
N GLU A 60 -11.16 8.92 -26.88
CA GLU A 60 -9.85 8.66 -26.28
C GLU A 60 -10.01 7.91 -24.94
N TYR A 61 -10.99 8.32 -24.15
CA TYR A 61 -11.27 7.64 -22.88
C TYR A 61 -11.60 6.18 -23.15
N ILE A 62 -12.44 5.95 -24.15
CA ILE A 62 -12.89 4.61 -24.50
C ILE A 62 -11.72 3.73 -24.90
N GLN A 63 -10.81 4.26 -25.70
CA GLN A 63 -9.62 3.51 -26.10
C GLN A 63 -8.74 3.17 -24.90
N ASN A 64 -8.56 4.11 -23.97
CA ASN A 64 -7.81 3.82 -22.75
C ASN A 64 -8.46 2.68 -21.96
N PHE A 65 -9.78 2.71 -21.84
CA PHE A 65 -10.48 1.63 -21.14
C PHE A 65 -10.41 0.29 -21.89
N LYS A 66 -10.37 0.32 -23.23
CA LYS A 66 -10.19 -0.90 -24.01
C LYS A 66 -8.83 -1.54 -23.68
N ILE A 67 -7.81 -0.68 -23.58
CA ILE A 67 -6.47 -1.09 -23.20
C ILE A 67 -6.46 -1.72 -21.79
N LEU A 68 -7.16 -1.07 -20.86
CA LEU A 68 -7.29 -1.58 -19.49
C LEU A 68 -7.97 -2.95 -19.47
N GLN A 69 -9.08 -3.06 -20.21
CA GLN A 69 -9.84 -4.31 -20.29
C GLN A 69 -8.97 -5.45 -20.80
N ALA A 70 -8.16 -5.19 -21.82
CA ALA A 70 -7.23 -6.20 -22.34
C ALA A 70 -6.22 -6.62 -21.28
N GLY A 71 -5.76 -5.67 -20.48
CA GLY A 71 -4.82 -5.96 -19.40
C GLY A 71 -5.47 -6.83 -18.34
N PHE A 72 -6.70 -6.48 -17.96
CA PHE A 72 -7.45 -7.30 -17.00
C PHE A 72 -7.59 -8.73 -17.54
N LYS A 73 -7.98 -8.87 -18.80
CA LYS A 73 -8.17 -10.20 -19.38
C LYS A 73 -6.87 -11.00 -19.36
N ARG A 74 -5.78 -10.36 -19.77
CA ARG A 74 -4.48 -11.00 -19.84
C ARG A 74 -4.05 -11.51 -18.47
N MSE A 75 -4.37 -10.75 -17.43
CA MSE A 75 -3.92 -11.04 -16.08
C MSE A 75 -4.90 -11.88 -15.27
O MSE A 75 -4.64 -12.18 -14.11
CB MSE A 75 -3.52 -9.76 -15.36
CG MSE A 75 -2.33 -9.02 -15.99
SE MSE A 75 -0.76 -10.13 -16.40
CE MSE A 75 -0.42 -10.78 -14.61
N GLY A 76 -5.99 -12.29 -15.89
CA GLY A 76 -7.00 -13.10 -15.23
C GLY A 76 -7.82 -12.37 -14.18
N VAL A 77 -7.86 -11.04 -14.25
CA VAL A 77 -8.69 -10.25 -13.34
C VAL A 77 -10.15 -10.47 -13.72
N ASP A 78 -10.98 -10.75 -12.72
CA ASP A 78 -12.42 -10.93 -12.94
C ASP A 78 -13.15 -9.63 -12.67
N LYS A 79 -13.31 -8.82 -13.70
CA LYS A 79 -14.06 -7.59 -13.51
C LYS A 79 -14.50 -7.03 -14.84
N ILE A 80 -15.82 -6.94 -15.04
CA ILE A 80 -16.35 -6.22 -16.18
C ILE A 80 -16.34 -4.72 -15.83
N ILE A 81 -15.58 -3.95 -16.60
CA ILE A 81 -15.50 -2.51 -16.40
C ILE A 81 -16.71 -1.85 -17.06
N PRO A 82 -17.49 -1.03 -16.31
CA PRO A 82 -18.66 -0.38 -16.89
C PRO A 82 -18.26 0.84 -17.70
N VAL A 83 -17.52 0.60 -18.80
CA VAL A 83 -16.90 1.67 -19.58
C VAL A 83 -17.91 2.70 -20.06
N ASP A 84 -19.04 2.25 -20.58
CA ASP A 84 -20.05 3.15 -21.13
C ASP A 84 -20.51 4.19 -20.13
N LYS A 85 -20.59 3.78 -18.86
CA LYS A 85 -20.95 4.68 -17.77
C LYS A 85 -19.78 5.58 -17.38
N LEU A 86 -18.61 4.97 -17.14
CA LEU A 86 -17.46 5.72 -16.64
C LEU A 86 -17.05 6.89 -17.52
N VAL A 87 -17.05 6.68 -18.84
CA VAL A 87 -16.53 7.70 -19.76
C VAL A 87 -17.39 8.96 -19.81
N LYS A 88 -18.60 8.91 -19.26
CA LYS A 88 -19.46 10.08 -19.16
C LYS A 88 -19.02 11.09 -18.08
N GLY A 89 -18.05 10.70 -17.26
CA GLY A 89 -17.43 11.62 -16.32
C GLY A 89 -18.31 12.09 -15.17
N LYS A 90 -19.23 11.22 -14.74
CA LYS A 90 -20.06 11.55 -13.59
C LYS A 90 -19.48 10.96 -12.31
N PHE A 91 -19.80 11.58 -11.19
CA PHE A 91 -19.19 11.22 -9.92
C PHE A 91 -19.51 9.81 -9.44
N GLN A 92 -20.80 9.49 -9.35
CA GLN A 92 -21.23 8.26 -8.71
C GLN A 92 -20.59 7.01 -9.31
N ASP A 93 -20.68 6.86 -10.63
CA ASP A 93 -20.13 5.68 -11.28
C ASP A 93 -18.61 5.64 -11.17
N ASN A 94 -17.97 6.78 -11.34
CA ASN A 94 -16.51 6.84 -11.21
C ASN A 94 -16.01 6.57 -9.81
N PHE A 95 -16.75 7.04 -8.81
CA PHE A 95 -16.39 6.83 -7.40
C PHE A 95 -16.56 5.37 -7.01
N GLU A 96 -17.67 4.76 -7.43
CA GLU A 96 -17.90 3.34 -7.20
C GLU A 96 -16.78 2.50 -7.78
N PHE A 97 -16.40 2.76 -9.03
CA PHE A 97 -15.33 1.98 -9.64
C PHE A 97 -13.98 2.19 -8.98
N VAL A 98 -13.64 3.43 -8.64
CA VAL A 98 -12.34 3.65 -8.02
C VAL A 98 -12.23 2.98 -6.64
N GLN A 99 -13.35 2.90 -5.89
CA GLN A 99 -13.32 2.23 -4.59
C GLN A 99 -12.95 0.77 -4.79
N TRP A 100 -13.57 0.13 -5.79
CA TRP A 100 -13.22 -1.25 -6.13
C TRP A 100 -11.76 -1.35 -6.57
N PHE A 101 -11.34 -0.44 -7.42
CA PHE A 101 -10.01 -0.52 -8.01
C PHE A 101 -8.94 -0.37 -6.94
N LYS A 102 -9.14 0.53 -5.98
CA LYS A 102 -8.15 0.67 -4.92
C LYS A 102 -8.00 -0.61 -4.09
N LYS A 103 -9.13 -1.25 -3.78
CA LYS A 103 -9.09 -2.51 -3.06
C LYS A 103 -8.33 -3.58 -3.87
N PHE A 104 -8.59 -3.61 -5.17
CA PHE A 104 -7.87 -4.51 -6.07
C PHE A 104 -6.36 -4.22 -6.07
N PHE A 105 -6.00 -2.94 -6.19
CA PHE A 105 -4.60 -2.56 -6.20
C PHE A 105 -3.90 -2.95 -4.90
N ASP A 106 -4.55 -2.63 -3.78
CA ASP A 106 -4.03 -2.93 -2.45
C ASP A 106 -3.77 -4.42 -2.26
N ALA A 107 -4.62 -5.26 -2.83
CA ALA A 107 -4.51 -6.73 -2.71
C ALA A 107 -3.45 -7.33 -3.64
N ASN A 108 -3.04 -6.57 -4.65
CA ASN A 108 -2.12 -7.10 -5.68
C ASN A 108 -0.75 -6.44 -5.70
N TYR A 109 -0.60 -5.33 -5.00
CA TYR A 109 0.70 -4.67 -4.85
C TYR A 109 1.68 -5.64 -4.20
N ASP A 110 2.89 -5.68 -4.73
CA ASP A 110 3.90 -6.59 -4.19
C ASP A 110 5.26 -5.92 -4.05
N GLY A 111 5.25 -4.61 -3.86
CA GLY A 111 6.44 -3.88 -3.45
C GLY A 111 7.42 -3.52 -4.53
N LYS A 112 7.09 -3.82 -5.80
CA LYS A 112 8.05 -3.54 -6.86
C LYS A 112 8.15 -2.07 -7.19
N ASP A 113 9.39 -1.60 -7.36
CA ASP A 113 9.68 -0.21 -7.71
C ASP A 113 9.00 0.15 -9.02
N TYR A 114 8.50 1.39 -9.07
CA TYR A 114 7.87 1.94 -10.28
C TYR A 114 8.06 3.42 -10.25
N ASP A 115 8.54 3.97 -11.37
CA ASP A 115 8.58 5.42 -11.54
C ASP A 115 7.46 5.82 -12.49
N PRO A 116 6.36 6.38 -11.95
CA PRO A 116 5.20 6.67 -12.79
C PRO A 116 5.42 7.84 -13.75
N VAL A 117 6.34 8.73 -13.42
CA VAL A 117 6.67 9.85 -14.28
C VAL A 117 7.48 9.35 -15.48
N ALA A 118 8.53 8.59 -15.20
CA ALA A 118 9.30 7.97 -16.28
C ALA A 118 8.42 7.14 -17.21
N ALA A 119 7.42 6.44 -16.65
CA ALA A 119 6.53 5.64 -17.46
C ALA A 119 5.77 6.45 -18.52
N ARG A 120 5.56 7.74 -18.26
CA ARG A 120 4.87 8.60 -19.21
C ARG A 120 5.81 9.29 -20.20
N GLN A 121 7.12 9.12 -20.03
CA GLN A 121 8.10 9.70 -20.94
C GLN A 121 8.36 8.78 -22.12
N GLY A 122 8.86 9.35 -23.22
CA GLY A 122 9.33 8.57 -24.37
C GLY A 122 8.27 7.78 -25.13
N GLN A 123 7.01 8.17 -25.03
CA GLN A 123 5.98 7.39 -25.68
C GLN A 123 5.91 7.64 -27.20
N LEU B 5 -0.34 -1.90 29.30
CA LEU B 5 0.32 -0.59 29.59
C LEU B 5 -0.52 0.56 28.99
N SER B 6 -0.19 1.80 29.33
CA SER B 6 -0.82 2.95 28.69
C SER B 6 -0.25 3.16 27.29
N ARG B 7 -0.93 3.99 26.51
CA ARG B 7 -0.41 4.36 25.19
C ARG B 7 0.99 4.99 25.33
N HIS B 8 1.19 5.72 26.42
CA HIS B 8 2.45 6.41 26.67
C HIS B 8 3.58 5.42 26.99
N ASP B 9 3.27 4.41 27.82
CA ASP B 9 4.22 3.33 28.12
C ASP B 9 4.58 2.55 26.88
N MSE B 10 3.59 2.30 26.04
CA MSE B 10 3.80 1.54 24.84
C MSE B 10 4.75 2.27 23.90
O MSE B 10 5.69 1.69 23.36
CB MSE B 10 2.46 1.29 24.15
CG MSE B 10 2.43 0.02 23.40
SE MSE B 10 2.50 -1.57 24.56
CE MSE B 10 0.66 -1.58 25.18
N LEU B 11 4.49 3.56 23.70
CA LEU B 11 5.40 4.35 22.87
C LEU B 11 6.80 4.42 23.45
N ALA B 12 6.91 4.51 24.76
CA ALA B 12 8.22 4.58 25.38
C ALA B 12 9.00 3.30 25.13
N TRP B 13 8.33 2.15 25.24
CA TRP B 13 8.96 0.86 24.92
C TRP B 13 9.48 0.83 23.48
N ILE B 14 8.61 1.15 22.53
CA ILE B 14 8.98 1.05 21.13
C ILE B 14 10.08 2.03 20.76
N ASN B 15 9.93 3.26 21.22
CA ASN B 15 10.92 4.30 20.95
C ASN B 15 12.29 3.96 21.52
N GLU B 16 12.32 3.37 22.71
CA GLU B 16 13.59 2.98 23.30
C GLU B 16 14.21 1.78 22.60
N SER B 17 13.43 0.71 22.45
CA SER B 17 13.98 -0.54 21.91
C SER B 17 14.41 -0.43 20.45
N LEU B 18 13.68 0.36 19.67
CA LEU B 18 14.03 0.52 18.26
C LEU B 18 14.63 1.88 17.94
N GLN B 19 14.86 2.71 18.96
CA GLN B 19 15.41 4.05 18.74
C GLN B 19 14.62 4.82 17.67
N LEU B 20 13.32 4.90 17.91
CA LEU B 20 12.38 5.58 17.03
C LEU B 20 11.88 6.87 17.65
N ASN B 21 11.02 7.55 16.89
CA ASN B 21 10.50 8.86 17.27
C ASN B 21 8.99 8.93 17.08
N LEU B 22 8.31 7.82 17.35
CA LEU B 22 6.85 7.81 17.28
C LEU B 22 6.23 8.71 18.32
N THR B 23 5.17 9.41 17.89
CA THR B 23 4.39 10.23 18.80
C THR B 23 2.95 9.73 18.97
N LYS B 24 2.54 8.79 18.11
CA LYS B 24 1.17 8.27 18.15
C LYS B 24 1.17 6.78 17.92
N ILE B 25 0.33 6.07 18.67
CA ILE B 25 0.13 4.63 18.46
C ILE B 25 -0.31 4.36 17.02
N GLU B 26 -1.09 5.29 16.46
CA GLU B 26 -1.62 5.16 15.11
C GLU B 26 -0.51 5.01 14.06
N GLN B 27 0.68 5.52 14.37
CA GLN B 27 1.80 5.41 13.45
C GLN B 27 2.29 3.98 13.25
N LEU B 28 1.91 3.08 14.14
CA LEU B 28 2.27 1.66 13.98
C LEU B 28 1.55 1.01 12.80
N CYS B 29 0.58 1.74 12.24
CA CYS B 29 -0.17 1.30 11.07
C CYS B 29 0.71 1.03 9.85
N SER B 30 1.93 1.55 9.84
CA SER B 30 2.82 1.36 8.69
C SER B 30 3.46 -0.02 8.65
N GLY B 31 3.50 -0.69 9.80
CA GLY B 31 4.07 -2.03 9.89
C GLY B 31 5.59 -2.08 9.99
N ALA B 32 6.25 -0.94 9.82
CA ALA B 32 7.72 -0.91 9.79
C ALA B 32 8.36 -1.25 11.13
N ALA B 33 7.79 -0.73 12.22
CA ALA B 33 8.31 -1.03 13.55
C ALA B 33 8.21 -2.52 13.83
N TYR B 34 7.04 -3.10 13.55
CA TYR B 34 6.87 -4.54 13.75
C TYR B 34 7.83 -5.38 12.93
N CYS B 35 8.02 -5.01 11.66
CA CYS B 35 9.01 -5.70 10.85
C CYS B 35 10.40 -5.64 11.48
N GLN B 36 10.80 -4.47 11.94
CA GLN B 36 12.10 -4.35 12.56
C GLN B 36 12.20 -5.15 13.86
N PHE B 37 11.11 -5.22 14.63
CA PHE B 37 11.11 -6.12 15.80
C PHE B 37 11.42 -7.56 15.42
N MSE B 38 10.98 -8.01 14.24
CA MSE B 38 11.31 -9.36 13.78
C MSE B 38 12.80 -9.50 13.51
O MSE B 38 13.40 -10.52 13.83
CB MSE B 38 10.50 -9.79 12.55
CG MSE B 38 9.03 -9.98 12.80
SE MSE B 38 8.66 -11.36 14.14
CE MSE B 38 9.12 -12.94 13.09
N ASP B 39 13.39 -8.47 12.91
CA ASP B 39 14.84 -8.45 12.66
C ASP B 39 15.61 -8.52 13.98
N MSE B 40 15.09 -7.85 15.02
CA MSE B 40 15.70 -7.84 16.33
C MSE B 40 15.53 -9.16 17.08
O MSE B 40 16.50 -9.70 17.65
CB MSE B 40 15.09 -6.70 17.15
CG MSE B 40 15.56 -6.58 18.59
SE MSE B 40 14.78 -4.97 19.38
CE MSE B 40 15.42 -5.19 21.21
N LEU B 41 14.31 -9.68 17.10
CA LEU B 41 13.99 -10.88 17.88
C LEU B 41 14.42 -12.17 17.20
N PHE B 42 14.33 -12.19 15.87
CA PHE B 42 14.59 -13.39 15.07
C PHE B 42 15.44 -13.01 13.86
N PRO B 43 16.75 -12.78 14.09
CA PRO B 43 17.60 -12.33 12.99
C PRO B 43 17.52 -13.27 11.78
N GLY B 44 17.29 -12.69 10.61
CA GLY B 44 17.16 -13.45 9.37
C GLY B 44 15.74 -13.87 9.02
N SER B 45 14.79 -13.61 9.92
CA SER B 45 13.39 -14.00 9.71
C SER B 45 12.71 -13.19 8.60
N ILE B 46 13.19 -11.98 8.38
CA ILE B 46 12.72 -11.15 7.27
C ILE B 46 13.89 -10.45 6.57
N ALA B 47 13.66 -10.01 5.35
CA ALA B 47 14.63 -9.20 4.62
C ALA B 47 14.29 -7.74 4.84
N LEU B 48 15.09 -7.08 5.66
CA LEU B 48 14.81 -5.69 6.04
C LEU B 48 14.86 -4.75 4.82
N LYS B 49 15.56 -5.19 3.78
CA LYS B 49 15.65 -4.43 2.52
C LYS B 49 14.30 -4.24 1.84
N LYS B 50 13.39 -5.20 2.04
CA LYS B 50 12.05 -5.16 1.44
C LYS B 50 11.11 -4.23 2.21
N VAL B 51 11.48 -3.93 3.45
CA VAL B 51 10.67 -3.06 4.30
C VAL B 51 10.79 -1.62 3.83
N LYS B 52 9.65 -0.96 3.75
CA LYS B 52 9.63 0.46 3.44
C LYS B 52 9.55 1.23 4.76
N PHE B 53 10.72 1.71 5.20
CA PHE B 53 10.82 2.48 6.43
C PHE B 53 10.25 3.87 6.27
N GLN B 54 10.20 4.33 5.02
CA GLN B 54 9.65 5.65 4.72
C GLN B 54 8.32 5.54 3.99
N ALA B 55 7.56 4.48 4.29
CA ALA B 55 6.26 4.22 3.67
C ALA B 55 5.26 5.32 4.00
N LYS B 56 4.47 5.73 3.00
CA LYS B 56 3.50 6.81 3.18
C LYS B 56 2.10 6.49 2.65
N LEU B 57 1.96 5.37 1.96
CA LEU B 57 0.71 4.98 1.32
C LEU B 57 0.18 3.65 1.87
N GLU B 58 -1.14 3.49 1.92
CA GLU B 58 -1.76 2.29 2.47
C GLU B 58 -1.26 0.99 1.84
N HIS B 59 -1.09 0.97 0.51
CA HIS B 59 -0.58 -0.24 -0.13
C HIS B 59 0.84 -0.60 0.34
N GLU B 60 1.63 0.42 0.67
CA GLU B 60 2.95 0.19 1.25
C GLU B 60 2.87 -0.34 2.68
N TYR B 61 1.90 0.15 3.46
CA TYR B 61 1.68 -0.38 4.80
C TYR B 61 1.30 -1.86 4.70
N ILE B 62 0.39 -2.17 3.77
CA ILE B 62 -0.04 -3.54 3.56
C ILE B 62 1.15 -4.46 3.22
N GLN B 63 2.04 -3.99 2.37
CA GLN B 63 3.21 -4.77 1.99
C GLN B 63 4.13 -5.00 3.20
N ASN B 64 4.33 -3.98 4.05
CA ASN B 64 5.10 -4.18 5.30
C ASN B 64 4.45 -5.25 6.15
N PHE B 65 3.13 -5.22 6.27
CA PHE B 65 2.43 -6.23 7.03
C PHE B 65 2.50 -7.62 6.40
N LYS B 66 2.57 -7.68 5.07
CA LYS B 66 2.77 -8.97 4.40
C LYS B 66 4.16 -9.54 4.69
N ILE B 67 5.15 -8.66 4.74
CA ILE B 67 6.50 -9.07 5.15
C ILE B 67 6.46 -9.61 6.59
N LEU B 68 5.76 -8.91 7.48
CA LEU B 68 5.63 -9.36 8.86
C LEU B 68 4.94 -10.73 8.94
N GLN B 69 3.84 -10.88 8.21
CA GLN B 69 3.09 -12.15 8.21
C GLN B 69 3.95 -13.31 7.74
N ALA B 70 4.74 -13.07 6.68
CA ALA B 70 5.65 -14.09 6.18
C ALA B 70 6.76 -14.41 7.19
N GLY B 71 7.23 -13.41 7.93
CA GLY B 71 8.19 -13.62 9.01
C GLY B 71 7.61 -14.48 10.11
N PHE B 72 6.37 -14.18 10.52
CA PHE B 72 5.67 -15.00 11.51
C PHE B 72 5.62 -16.45 11.01
N LYS B 73 5.18 -16.64 9.77
CA LYS B 73 5.04 -17.99 9.21
C LYS B 73 6.39 -18.73 9.22
N ARG B 74 7.43 -18.03 8.80
CA ARG B 74 8.80 -18.59 8.76
C ARG B 74 9.28 -19.05 10.13
N MSE B 75 8.91 -18.29 11.16
CA MSE B 75 9.34 -18.55 12.53
C MSE B 75 8.41 -19.48 13.32
O MSE B 75 8.66 -19.76 14.48
CB MSE B 75 9.58 -17.24 13.27
CG MSE B 75 10.71 -16.40 12.68
SE MSE B 75 12.34 -17.40 12.30
CE MSE B 75 12.70 -17.89 14.03
N GLY B 76 7.34 -19.96 12.69
CA GLY B 76 6.41 -20.86 13.37
C GLY B 76 5.42 -20.15 14.27
N VAL B 77 5.34 -18.82 14.17
CA VAL B 77 4.39 -18.04 14.94
C VAL B 77 3.03 -18.15 14.30
N ASP B 78 2.02 -18.45 15.10
CA ASP B 78 0.65 -18.53 14.61
C ASP B 78 -0.13 -17.38 15.24
N LYS B 79 -0.23 -16.29 14.51
CA LYS B 79 -1.01 -15.13 14.92
C LYS B 79 -1.55 -14.50 13.66
N ILE B 80 -2.87 -14.39 13.58
CA ILE B 80 -3.52 -13.70 12.48
C ILE B 80 -3.44 -12.19 12.73
N ILE B 81 -2.82 -11.48 11.79
CA ILE B 81 -2.71 -10.02 11.90
C ILE B 81 -3.91 -9.41 11.18
N PRO B 82 -4.69 -8.54 11.88
CA PRO B 82 -5.84 -7.92 11.24
C PRO B 82 -5.42 -6.73 10.37
N VAL B 83 -4.66 -7.03 9.31
CA VAL B 83 -4.04 -6.02 8.47
C VAL B 83 -5.02 -4.97 7.96
N ASP B 84 -6.17 -5.42 7.47
CA ASP B 84 -7.17 -4.51 6.89
C ASP B 84 -7.63 -3.44 7.89
N LYS B 85 -7.68 -3.81 9.16
CA LYS B 85 -8.06 -2.85 10.20
C LYS B 85 -6.88 -1.93 10.53
N LEU B 86 -5.68 -2.50 10.67
CA LEU B 86 -4.53 -1.73 11.15
C LEU B 86 -4.08 -0.63 10.22
N VAL B 87 -4.09 -0.91 8.91
CA VAL B 87 -3.51 0.02 7.95
C VAL B 87 -4.33 1.29 7.78
N LYS B 88 -5.54 1.29 8.35
CA LYS B 88 -6.40 2.49 8.36
C LYS B 88 -5.92 3.55 9.36
N GLY B 89 -4.96 3.21 10.21
CA GLY B 89 -4.33 4.18 11.09
C GLY B 89 -5.20 4.76 12.19
N LYS B 90 -6.14 3.96 12.71
CA LYS B 90 -6.94 4.41 13.83
C LYS B 90 -6.43 3.81 15.14
N PHE B 91 -6.77 4.46 16.24
CA PHE B 91 -6.20 4.11 17.53
C PHE B 91 -6.57 2.72 18.03
N GLN B 92 -7.87 2.44 18.10
CA GLN B 92 -8.32 1.26 18.83
C GLN B 92 -7.73 -0.05 18.30
N ASP B 93 -7.84 -0.28 17.00
CA ASP B 93 -7.30 -1.52 16.43
C ASP B 93 -5.78 -1.57 16.56
N ASN B 94 -5.11 -0.44 16.36
CA ASN B 94 -3.65 -0.43 16.50
C ASN B 94 -3.18 -0.65 17.93
N PHE B 95 -3.92 -0.12 18.89
CA PHE B 95 -3.62 -0.34 20.30
C PHE B 95 -3.87 -1.79 20.72
N GLU B 96 -4.96 -2.40 20.24
CA GLU B 96 -5.22 -3.81 20.53
C GLU B 96 -4.06 -4.68 20.04
N PHE B 97 -3.61 -4.45 18.81
CA PHE B 97 -2.55 -5.29 18.27
C PHE B 97 -1.21 -5.04 18.97
N VAL B 98 -0.89 -3.79 19.28
CA VAL B 98 0.37 -3.53 19.96
C VAL B 98 0.42 -4.18 21.35
N GLN B 99 -0.74 -4.31 22.01
CA GLN B 99 -0.80 -4.99 23.31
C GLN B 99 -0.39 -6.46 23.16
N TRP B 100 -0.85 -7.09 22.09
CA TRP B 100 -0.42 -8.46 21.80
C TRP B 100 1.06 -8.49 21.47
N PHE B 101 1.50 -7.55 20.63
CA PHE B 101 2.89 -7.57 20.19
C PHE B 101 3.86 -7.37 21.36
N LYS B 102 3.44 -6.56 22.34
CA LYS B 102 4.25 -6.34 23.54
C LYS B 102 4.49 -7.65 24.27
N LYS B 103 3.43 -8.44 24.45
CA LYS B 103 3.56 -9.72 25.12
C LYS B 103 4.41 -10.70 24.31
N PHE B 104 4.27 -10.66 22.98
CA PHE B 104 5.10 -11.46 22.06
C PHE B 104 6.59 -11.09 22.19
N PHE B 105 6.87 -9.79 22.24
CA PHE B 105 8.21 -9.29 22.45
C PHE B 105 8.78 -9.79 23.79
N ASP B 106 8.01 -9.61 24.87
CA ASP B 106 8.49 -10.03 26.19
C ASP B 106 8.83 -11.52 26.24
N ALA B 107 8.01 -12.33 25.56
CA ALA B 107 8.18 -13.77 25.56
C ALA B 107 9.39 -14.22 24.75
N ASN B 108 9.74 -13.45 23.71
CA ASN B 108 10.78 -13.87 22.77
C ASN B 108 12.10 -13.13 22.86
N TYR B 109 12.10 -11.99 23.55
CA TYR B 109 13.32 -11.20 23.74
C TYR B 109 14.32 -11.95 24.63
N ASP B 110 15.56 -12.00 24.17
CA ASP B 110 16.62 -12.78 24.83
C ASP B 110 17.68 -11.86 25.42
N GLY B 111 17.43 -10.55 25.35
CA GLY B 111 18.30 -9.55 25.96
C GLY B 111 19.65 -9.38 25.27
N LYS B 112 19.78 -9.94 24.08
CA LYS B 112 21.03 -9.92 23.30
C LYS B 112 21.30 -8.58 22.63
N ASP B 113 22.40 -8.55 21.88
CA ASP B 113 22.89 -7.35 21.19
C ASP B 113 22.17 -7.06 19.87
N TYR B 114 21.69 -5.82 19.73
CA TYR B 114 21.07 -5.36 18.50
C TYR B 114 21.14 -3.85 18.47
N ASP B 115 21.65 -3.31 17.38
CA ASP B 115 21.69 -1.85 17.21
C ASP B 115 20.63 -1.47 16.17
N PRO B 116 19.46 -0.96 16.62
CA PRO B 116 18.38 -0.71 15.67
C PRO B 116 18.64 0.46 14.73
N VAL B 117 19.49 1.39 15.14
CA VAL B 117 19.87 2.51 14.28
C VAL B 117 20.77 2.02 13.15
N ALA B 118 21.82 1.27 13.50
CA ALA B 118 22.69 0.68 12.48
C ALA B 118 21.92 -0.21 11.51
N ALA B 119 20.94 -0.96 12.03
CA ALA B 119 20.14 -1.84 11.19
C ALA B 119 19.39 -1.08 10.08
N ARG B 120 19.08 0.20 10.30
CA ARG B 120 18.39 1.01 9.31
C ARG B 120 19.33 1.79 8.39
N GLN B 121 20.63 1.72 8.65
CA GLN B 121 21.61 2.35 7.75
C GLN B 121 21.83 1.46 6.51
N GLY B 122 22.47 2.03 5.49
CA GLY B 122 22.80 1.25 4.29
C GLY B 122 21.58 0.79 3.51
N GLN B 123 20.54 1.61 3.59
CA GLN B 123 19.29 1.41 2.87
C GLN B 123 18.61 0.15 3.38
#